data_5SMB
#
_entry.id   5SMB
#
_cell.length_a   67.708
_cell.length_b   67.898
_cell.length_c   138.629
_cell.angle_alpha   90.000
_cell.angle_beta   90.000
_cell.angle_gamma   90.000
#
_symmetry.space_group_name_H-M   'P 21 21 21'
#
loop_
_entity.id
_entity.type
_entity.pdbx_description
1 polymer 'Proofreading exoribonuclease nsp14'
2 non-polymer 'ZINC ION'
3 non-polymer 'PHOSPHATE ION'
4 non-polymer 1-(morpholin-4-yl)-4-phenylbutan-1-one
5 water water
#
_entity_poly.entity_id   1
_entity_poly.type   'polypeptide(L)'
_entity_poly.pdbx_seq_one_letter_code
;SMLFKDCSKVITGLHPTQAPTHLSVDTKFKTEGLCVDIPGIPKDMTYRRLISMMGFKMNYQVNGYPNMFITREEAIRHVR
AWIGFDVEGCHATREAVGTNLPLQLGFSTGVNLVAVPTGYVDTPNNTDFSRVSAKPPPGDQFKHLIPLMYKGLPWNVVRI
KIVQMLSDTLKNLSDRVVFVLWAHGFELTSMKYFVKIGPERTCCLCDRRATCFSTASDTYACWHHSIGFDYVYNPFMIDV
QQWGFTGNLQSNHDLYCQVHGNAHVASCDAIMTRCLAVHECFVKRVDWTIEYPIIGDELKINAACRKVQHMVVKAALLAD
KFPVLHDIGNPKAIKCVPQADVEWKFYDAQPCSDKAYKIEELFYSYATHSDKFTDGVCLFWNCNVDRYPANSIVCRFDTR
VLSNLNLPGCDGGSLYVNKHAFHTPAFDKSAFVNLKQLPFFYYSDSPCESHGKQVVSDIDYVPLKSATCITRCNLGGAVC
RHHANEYRLYLDAYNMMISAGFSLWVYKQFDTYNLWNTFTRLQ
;
_entity_poly.pdbx_strand_id   D
#
# COMPACT_ATOMS: atom_id res chain seq x y z
N PRO A 20 21.99 -18.51 -1.36
CA PRO A 20 21.75 -17.21 -0.70
C PRO A 20 20.27 -16.82 -0.66
N THR A 21 19.52 -17.48 0.25
CA THR A 21 18.10 -17.19 0.41
C THR A 21 17.91 -16.18 1.54
N HIS A 22 18.37 -16.52 2.77
CA HIS A 22 18.22 -15.69 3.95
C HIS A 22 19.48 -14.87 4.32
N LEU A 23 19.37 -13.98 5.32
CA LEU A 23 20.51 -13.20 5.79
C LEU A 23 21.34 -14.12 6.68
N SER A 24 22.62 -14.38 6.32
CA SER A 24 23.47 -15.25 7.12
C SER A 24 23.71 -14.65 8.50
N VAL A 25 23.65 -15.47 9.57
CA VAL A 25 23.95 -14.93 10.91
C VAL A 25 25.42 -14.52 11.03
N ASP A 26 26.30 -15.02 10.14
CA ASP A 26 27.72 -14.71 10.15
C ASP A 26 28.08 -13.46 9.33
N THR A 27 27.07 -12.70 8.85
CA THR A 27 27.22 -11.42 8.17
C THR A 27 27.63 -10.40 9.26
N LYS A 28 28.28 -9.32 8.85
CA LYS A 28 28.73 -8.32 9.80
C LYS A 28 27.68 -7.27 10.07
N PHE A 29 27.58 -6.84 11.31
CA PHE A 29 26.64 -5.81 11.71
C PHE A 29 27.44 -4.58 12.14
N LYS A 30 27.32 -3.46 11.38
CA LYS A 30 28.01 -2.23 11.74
C LYS A 30 27.41 -1.71 13.06
N THR A 31 28.22 -1.60 14.10
CA THR A 31 27.75 -1.21 15.43
C THR A 31 27.96 0.25 15.80
N GLU A 32 28.43 1.09 14.86
CA GLU A 32 28.66 2.52 15.14
C GLU A 32 27.41 3.29 15.69
N GLY A 33 26.25 3.00 15.10
CA GLY A 33 24.98 3.59 15.50
C GLY A 33 24.49 3.18 16.88
N LEU A 34 25.09 2.12 17.45
CA LEU A 34 24.75 1.54 18.75
C LEU A 34 25.63 2.01 19.90
N CYS A 35 26.74 2.65 19.63
CA CYS A 35 27.73 2.95 20.67
C CYS A 35 27.41 4.14 21.63
N VAL A 36 26.27 4.80 21.48
CA VAL A 36 25.92 5.88 22.42
C VAL A 36 25.02 5.30 23.50
N ASP A 37 24.01 4.49 23.11
CA ASP A 37 23.23 3.75 24.08
C ASP A 37 24.11 2.63 24.66
N ILE A 38 24.99 2.02 23.85
CA ILE A 38 25.87 0.91 24.26
C ILE A 38 27.37 1.24 24.12
N PRO A 39 27.96 1.98 25.07
CA PRO A 39 29.40 2.30 24.96
C PRO A 39 30.36 1.11 25.10
N GLY A 40 31.39 1.11 24.29
CA GLY A 40 32.39 0.06 24.26
C GLY A 40 32.02 -1.15 23.42
N ILE A 41 31.00 -1.02 22.59
CA ILE A 41 30.55 -2.14 21.78
C ILE A 41 31.65 -2.53 20.76
N PRO A 42 31.89 -3.84 20.55
CA PRO A 42 32.94 -4.23 19.60
C PRO A 42 32.64 -3.73 18.20
N LYS A 43 33.62 -3.18 17.50
CA LYS A 43 33.42 -2.77 16.11
C LYS A 43 33.16 -4.01 15.23
N ASP A 44 33.75 -5.15 15.61
CA ASP A 44 33.58 -6.42 14.94
C ASP A 44 32.40 -7.13 15.57
N MET A 45 31.31 -7.24 14.80
CA MET A 45 30.08 -7.83 15.28
C MET A 45 29.38 -8.60 14.15
N THR A 46 28.76 -9.71 14.47
CA THR A 46 27.98 -10.50 13.51
C THR A 46 26.55 -10.55 13.99
N TYR A 47 25.62 -10.98 13.14
CA TYR A 47 24.24 -11.13 13.56
C TYR A 47 24.12 -12.15 14.70
N ARG A 48 24.87 -13.24 14.60
CA ARG A 48 24.99 -14.34 15.55
C ARG A 48 25.37 -13.83 16.93
N ARG A 49 26.33 -12.93 17.01
CA ARG A 49 26.78 -12.38 18.27
C ARG A 49 25.80 -11.34 18.83
N LEU A 50 25.23 -10.49 17.94
CA LEU A 50 24.24 -9.46 18.25
C LEU A 50 23.00 -10.12 18.83
N ILE A 51 22.54 -11.23 18.22
CA ILE A 51 21.35 -11.94 18.72
C ILE A 51 21.59 -12.46 20.13
N SER A 52 22.75 -13.05 20.37
CA SER A 52 23.15 -13.52 21.68
C SER A 52 23.20 -12.35 22.68
N MET A 53 23.76 -11.19 22.29
CA MET A 53 23.83 -9.99 23.12
C MET A 53 22.39 -9.53 23.47
N MET A 54 21.45 -9.71 22.53
CA MET A 54 20.07 -9.33 22.75
C MET A 54 19.30 -10.27 23.69
N GLY A 55 19.92 -11.35 24.16
CA GLY A 55 19.32 -12.29 25.08
C GLY A 55 18.59 -13.44 24.43
N PHE A 56 18.87 -13.73 23.16
CA PHE A 56 18.18 -14.80 22.44
C PHE A 56 19.07 -15.99 22.14
N LYS A 57 18.56 -17.20 22.34
CA LYS A 57 19.34 -18.40 22.07
C LYS A 57 18.80 -19.11 20.84
N MET A 58 19.49 -18.98 19.69
CA MET A 58 19.03 -19.64 18.46
C MET A 58 19.25 -21.20 18.51
N ASN A 59 20.02 -21.71 19.51
CA ASN A 59 20.29 -23.13 19.80
C ASN A 59 20.58 -24.06 18.60
N TYR A 60 21.18 -23.54 17.49
CA TYR A 60 21.45 -24.25 16.22
C TYR A 60 20.15 -24.92 15.74
N GLN A 61 19.16 -24.09 15.43
CA GLN A 61 17.86 -24.60 15.06
C GLN A 61 17.58 -24.53 13.53
N VAL A 62 17.41 -25.72 12.94
CA VAL A 62 17.07 -25.84 11.53
C VAL A 62 15.56 -26.03 11.43
N ASN A 63 14.80 -24.99 11.83
CA ASN A 63 13.34 -25.08 11.81
C ASN A 63 12.68 -23.82 11.24
N GLY A 64 13.17 -23.34 10.11
CA GLY A 64 12.58 -22.22 9.37
C GLY A 64 12.77 -20.80 9.87
N TYR A 65 13.46 -20.60 10.99
CA TYR A 65 13.73 -19.25 11.49
C TYR A 65 15.25 -19.14 11.57
N PRO A 66 15.96 -18.94 10.44
CA PRO A 66 17.42 -18.92 10.49
C PRO A 66 18.03 -17.67 11.11
N ASN A 67 17.32 -16.56 11.08
CA ASN A 67 17.81 -15.31 11.61
C ASN A 67 16.64 -14.39 11.99
N MET A 68 16.76 -13.68 13.13
CA MET A 68 15.78 -12.67 13.52
C MET A 68 15.82 -11.49 12.51
N PHE A 69 17.01 -11.17 12.00
CA PHE A 69 17.22 -10.13 11.01
C PHE A 69 17.09 -10.66 9.58
N ILE A 70 16.73 -9.78 8.64
CA ILE A 70 16.47 -10.18 7.26
C ILE A 70 17.15 -9.24 6.25
N THR A 71 17.24 -9.69 4.98
CA THR A 71 17.79 -8.94 3.87
C THR A 71 16.81 -7.85 3.40
N ARG A 72 17.28 -6.90 2.60
CA ARG A 72 16.47 -5.86 1.99
C ARG A 72 15.48 -6.53 1.03
N GLU A 73 15.93 -7.54 0.25
CA GLU A 73 15.08 -8.27 -0.70
C GLU A 73 13.92 -8.95 0.03
N GLU A 74 14.22 -9.63 1.15
CA GLU A 74 13.17 -10.26 1.95
C GLU A 74 12.20 -9.23 2.55
N ALA A 75 12.70 -8.07 3.01
CA ALA A 75 11.83 -7.02 3.56
C ALA A 75 10.90 -6.46 2.49
N ILE A 76 11.40 -6.27 1.26
CA ILE A 76 10.57 -5.76 0.15
C ILE A 76 9.44 -6.73 -0.13
N ARG A 77 9.75 -8.04 -0.16
CA ARG A 77 8.71 -9.04 -0.38
C ARG A 77 7.67 -9.09 0.74
N HIS A 78 8.03 -8.58 1.94
CA HIS A 78 7.17 -8.59 3.14
C HIS A 78 6.85 -7.18 3.64
N VAL A 79 6.79 -6.19 2.72
CA VAL A 79 6.49 -4.80 3.05
C VAL A 79 5.14 -4.63 3.82
N ARG A 80 4.13 -5.49 3.53
CA ARG A 80 2.84 -5.43 4.25
C ARG A 80 3.03 -5.65 5.78
N ALA A 81 4.12 -6.34 6.17
CA ALA A 81 4.44 -6.61 7.57
C ALA A 81 5.26 -5.51 8.26
N TRP A 82 5.74 -4.47 7.54
CA TRP A 82 6.59 -3.45 8.18
C TRP A 82 5.94 -2.62 9.27
N ILE A 83 6.59 -2.56 10.43
CA ILE A 83 6.15 -1.74 11.55
C ILE A 83 7.41 -1.07 12.03
N GLY A 84 7.51 0.23 11.86
CA GLY A 84 8.63 1.00 12.35
C GLY A 84 8.64 0.93 13.87
N PHE A 85 9.81 0.67 14.46
CA PHE A 85 9.89 0.56 15.91
C PHE A 85 11.08 1.39 16.45
N ASP A 86 10.83 2.19 17.50
CA ASP A 86 11.86 2.99 18.11
C ASP A 86 11.70 3.02 19.64
N VAL A 87 12.80 2.96 20.39
CA VAL A 87 12.77 3.04 21.85
C VAL A 87 13.66 4.20 22.28
N GLU A 88 13.14 5.07 23.14
CA GLU A 88 13.84 6.24 23.66
C GLU A 88 13.87 6.15 25.18
N GLY A 89 15.06 6.09 25.74
CA GLY A 89 15.21 5.95 27.18
C GLY A 89 14.94 7.22 27.96
N CYS A 90 13.64 7.44 28.34
CA CYS A 90 13.13 8.60 29.11
C CYS A 90 14.08 9.05 30.22
N HIS A 91 14.45 8.12 31.14
CA HIS A 91 15.43 8.47 32.17
C HIS A 91 16.82 7.87 31.86
N GLY A 98 17.20 0.85 30.05
CA GLY A 98 18.51 0.86 30.69
C GLY A 98 18.47 0.42 32.16
N THR A 99 17.84 -0.76 32.42
CA THR A 99 17.66 -1.45 33.71
C THR A 99 16.87 -0.63 34.76
N ASN A 100 17.36 0.57 35.15
CA ASN A 100 16.76 1.42 36.17
C ASN A 100 15.80 2.50 35.62
N LEU A 101 15.94 2.84 34.33
CA LEU A 101 15.14 3.90 33.70
C LEU A 101 13.91 3.44 32.87
N PRO A 102 12.86 4.29 32.82
CA PRO A 102 11.68 3.93 32.00
C PRO A 102 11.89 4.20 30.50
N LEU A 103 11.40 3.31 29.65
CA LEU A 103 11.56 3.40 28.21
C LEU A 103 10.29 3.83 27.51
N GLN A 104 10.41 4.59 26.40
CA GLN A 104 9.27 4.99 25.59
C GLN A 104 9.34 4.12 24.34
N LEU A 105 8.32 3.33 24.09
CA LEU A 105 8.24 2.38 22.98
C LEU A 105 7.35 3.00 21.93
N GLY A 106 7.90 3.31 20.76
CA GLY A 106 7.13 3.94 19.71
C GLY A 106 6.97 3.08 18.49
N PHE A 107 5.77 3.06 17.90
CA PHE A 107 5.49 2.24 16.71
C PHE A 107 4.96 3.11 15.57
N SER A 108 5.13 2.64 14.31
CA SER A 108 4.69 3.44 13.16
C SER A 108 3.14 3.54 13.01
N THR A 109 2.42 2.92 13.92
CA THR A 109 0.96 3.00 14.06
C THR A 109 0.59 4.33 14.86
N GLY A 110 1.59 5.08 15.31
CA GLY A 110 1.36 6.29 16.08
C GLY A 110 1.31 6.04 17.57
N VAL A 111 1.45 4.78 18.00
CA VAL A 111 1.38 4.41 19.40
C VAL A 111 2.70 4.62 20.17
N ASN A 112 2.60 5.19 21.38
CA ASN A 112 3.69 5.40 22.31
C ASN A 112 3.30 4.73 23.63
N LEU A 113 4.02 3.69 24.05
CA LEU A 113 3.81 2.99 25.32
C LEU A 113 4.99 3.27 26.23
N VAL A 114 4.77 3.54 27.52
CA VAL A 114 5.88 3.74 28.45
C VAL A 114 6.06 2.54 29.38
N ALA A 115 7.20 1.85 29.31
CA ALA A 115 7.46 0.70 30.18
C ALA A 115 8.38 1.10 31.34
N VAL A 116 7.98 0.75 32.57
CA VAL A 116 8.77 0.97 33.78
C VAL A 116 9.34 -0.38 34.25
N PRO A 117 10.52 -0.39 34.88
CA PRO A 117 11.12 -1.67 35.27
C PRO A 117 10.78 -2.17 36.67
N THR A 118 10.31 -1.25 37.57
CA THR A 118 9.92 -1.47 38.97
C THR A 118 10.68 -2.62 39.66
N PRO A 147 0.78 9.53 17.71
CA PRO A 147 1.15 10.32 18.91
C PRO A 147 0.29 10.00 20.13
N LEU A 148 -0.13 8.73 20.27
CA LEU A 148 -0.96 8.28 21.39
C LEU A 148 -0.07 7.88 22.55
N MET A 149 0.17 8.83 23.47
CA MET A 149 1.06 8.69 24.62
C MET A 149 0.41 8.07 25.89
N TYR A 150 0.70 6.77 26.16
CA TYR A 150 0.19 6.05 27.33
C TYR A 150 1.18 6.15 28.50
N LYS A 151 0.67 6.29 29.75
CA LYS A 151 1.47 6.43 30.98
C LYS A 151 2.25 5.15 31.40
N GLY A 152 3.26 5.33 32.26
CA GLY A 152 4.18 4.28 32.72
C GLY A 152 3.56 3.05 33.38
N LEU A 153 3.83 1.87 32.80
CA LEU A 153 3.30 0.59 33.26
C LEU A 153 4.36 -0.52 33.11
N PRO A 154 4.34 -1.57 33.95
CA PRO A 154 5.35 -2.63 33.81
C PRO A 154 5.26 -3.44 32.53
N TRP A 155 6.32 -4.17 32.19
CA TRP A 155 6.42 -5.00 30.99
C TRP A 155 5.37 -6.07 30.84
N ASN A 156 4.87 -6.61 31.97
CA ASN A 156 3.86 -7.66 31.92
C ASN A 156 2.55 -7.15 31.33
N VAL A 157 2.22 -5.85 31.50
CA VAL A 157 1.02 -5.32 30.87
C VAL A 157 1.35 -4.70 29.49
N VAL A 158 2.54 -4.11 29.33
CA VAL A 158 2.96 -3.52 28.07
C VAL A 158 3.00 -4.57 26.93
N ARG A 159 3.50 -5.78 27.20
CA ARG A 159 3.59 -6.82 26.19
C ARG A 159 2.22 -7.28 25.69
N ILE A 160 1.19 -7.27 26.58
CA ILE A 160 -0.21 -7.57 26.26
C ILE A 160 -0.73 -6.57 25.22
N LYS A 161 -0.40 -5.27 25.40
CA LYS A 161 -0.80 -4.21 24.49
C LYS A 161 -0.09 -4.31 23.13
N ILE A 162 1.21 -4.66 23.12
CA ILE A 162 2.02 -4.82 21.91
C ILE A 162 1.44 -5.92 21.01
N VAL A 163 1.04 -7.04 21.62
CA VAL A 163 0.43 -8.15 20.90
C VAL A 163 -0.92 -7.73 20.34
N GLN A 164 -1.77 -7.08 21.14
CA GLN A 164 -3.08 -6.61 20.66
C GLN A 164 -2.93 -5.65 19.48
N MET A 165 -2.02 -4.68 19.59
CA MET A 165 -1.80 -3.64 18.58
C MET A 165 -1.27 -4.20 17.26
N LEU A 166 -0.22 -5.04 17.32
CA LEU A 166 0.36 -5.67 16.14
C LEU A 166 -0.65 -6.59 15.47
N SER A 167 -1.43 -7.34 16.28
CA SER A 167 -2.42 -8.27 15.76
C SER A 167 -3.55 -7.54 15.06
N ASP A 168 -4.09 -6.47 15.66
CA ASP A 168 -5.17 -5.67 15.06
C ASP A 168 -4.69 -4.94 13.80
N THR A 169 -3.39 -4.62 13.71
CA THR A 169 -2.84 -3.91 12.57
C THR A 169 -2.50 -4.88 11.44
N LEU A 170 -1.99 -6.06 11.78
CA LEU A 170 -1.47 -6.95 10.77
C LEU A 170 -2.32 -8.11 10.33
N LYS A 171 -3.37 -8.49 11.07
CA LYS A 171 -4.16 -9.66 10.72
C LYS A 171 -4.66 -9.71 9.27
N ASN A 172 -5.02 -8.57 8.72
CA ASN A 172 -5.51 -8.51 7.34
C ASN A 172 -4.46 -8.11 6.32
N LEU A 173 -3.17 -7.99 6.71
CA LEU A 173 -2.14 -7.59 5.79
C LEU A 173 -1.11 -8.65 5.58
N SER A 174 -0.68 -9.30 6.67
CA SER A 174 0.47 -10.20 6.59
C SER A 174 0.44 -11.36 7.56
N ASP A 175 1.27 -12.40 7.27
CA ASP A 175 1.48 -13.57 8.13
C ASP A 175 2.64 -13.35 9.14
N ARG A 176 3.18 -12.14 9.25
CA ARG A 176 4.32 -11.85 10.11
C ARG A 176 4.38 -10.33 10.46
N VAL A 177 5.42 -9.92 11.24
CA VAL A 177 5.75 -8.54 11.59
C VAL A 177 7.20 -8.35 11.21
N VAL A 178 7.57 -7.15 10.72
CA VAL A 178 8.94 -6.81 10.41
C VAL A 178 9.23 -5.49 11.11
N PHE A 179 10.00 -5.51 12.19
CA PHE A 179 10.34 -4.30 12.93
C PHE A 179 11.38 -3.53 12.13
N VAL A 180 10.98 -2.39 11.55
CA VAL A 180 11.90 -1.57 10.75
C VAL A 180 12.58 -0.62 11.72
N LEU A 181 13.92 -0.73 11.83
CA LEU A 181 14.68 0.02 12.83
C LEU A 181 15.69 1.04 12.30
N TRP A 182 16.01 2.02 13.14
CA TRP A 182 17.12 2.94 12.97
C TRP A 182 17.80 2.80 14.34
N ALA A 183 18.44 1.64 14.48
CA ALA A 183 19.00 1.09 15.68
C ALA A 183 20.08 1.95 16.40
N HIS A 184 19.78 2.27 17.65
CA HIS A 184 20.73 2.94 18.52
C HIS A 184 21.08 2.10 19.77
N GLY A 185 20.33 1.06 20.07
CA GLY A 185 20.64 0.19 21.20
C GLY A 185 19.45 -0.24 22.03
N PHE A 186 18.71 0.72 22.60
CA PHE A 186 17.56 0.41 23.44
C PHE A 186 16.47 -0.48 22.82
N GLU A 187 16.22 -0.35 21.52
CA GLU A 187 15.17 -1.14 20.88
C GLU A 187 15.56 -2.63 20.82
N LEU A 188 16.83 -2.92 20.61
CA LEU A 188 17.33 -4.29 20.56
C LEU A 188 17.39 -4.89 21.96
N THR A 189 17.83 -4.11 22.96
CA THR A 189 17.88 -4.60 24.32
C THR A 189 16.45 -4.78 24.89
N SER A 190 15.49 -3.96 24.46
CA SER A 190 14.12 -4.08 24.97
C SER A 190 13.34 -5.25 24.35
N MET A 191 13.83 -5.86 23.26
CA MET A 191 13.11 -6.94 22.61
C MET A 191 12.91 -8.18 23.47
N LYS A 192 13.83 -8.52 24.36
CA LYS A 192 13.71 -9.67 25.28
C LYS A 192 12.50 -9.55 26.23
N TYR A 193 11.95 -8.34 26.41
CA TYR A 193 10.82 -8.14 27.29
C TYR A 193 9.47 -8.40 26.64
N PHE A 194 9.42 -8.60 25.32
CA PHE A 194 8.16 -8.85 24.64
C PHE A 194 8.28 -9.86 23.49
N VAL A 195 9.49 -10.36 23.19
CA VAL A 195 9.66 -11.30 22.08
C VAL A 195 10.16 -12.67 22.53
N LYS A 196 9.52 -13.76 22.06
CA LYS A 196 9.97 -15.14 22.27
C LYS A 196 10.30 -15.75 20.89
N ILE A 197 11.37 -16.53 20.80
CA ILE A 197 11.76 -17.17 19.55
C ILE A 197 11.84 -18.71 19.69
N GLY A 198 11.75 -19.40 18.58
CA GLY A 198 11.82 -20.86 18.55
C GLY A 198 11.63 -21.37 17.14
N PRO A 199 11.18 -22.63 17.01
CA PRO A 199 10.92 -23.16 15.67
C PRO A 199 9.66 -22.52 15.05
N GLU A 200 9.50 -22.69 13.74
CA GLU A 200 8.31 -22.20 13.07
C GLU A 200 7.13 -23.07 13.51
N ARG A 201 6.02 -22.43 13.83
CA ARG A 201 4.85 -23.14 14.33
C ARG A 201 3.57 -22.75 13.61
N THR A 202 2.49 -23.48 13.89
CA THR A 202 1.19 -23.13 13.36
C THR A 202 0.29 -22.66 14.52
N CYS A 203 -0.77 -21.97 14.19
CA CYS A 203 -1.71 -21.46 15.15
C CYS A 203 -2.47 -22.58 15.90
N CYS A 204 -2.85 -22.33 17.15
CA CYS A 204 -3.63 -23.28 17.96
C CYS A 204 -5.08 -23.41 17.48
N LEU A 205 -5.57 -22.47 16.68
CA LEU A 205 -6.95 -22.46 16.17
C LEU A 205 -7.03 -22.48 14.63
N CYS A 206 -5.90 -22.52 13.91
CA CYS A 206 -5.93 -22.55 12.44
C CYS A 206 -4.58 -22.98 11.80
N ASP A 207 -4.52 -23.02 10.47
CA ASP A 207 -3.36 -23.44 9.71
C ASP A 207 -2.34 -22.36 9.44
N ARG A 208 -2.62 -21.11 9.82
CA ARG A 208 -1.68 -20.01 9.60
C ARG A 208 -0.50 -20.13 10.53
N ARG A 209 0.65 -19.58 10.13
CA ARG A 209 1.82 -19.60 10.99
C ARG A 209 1.59 -18.81 12.29
N ALA A 210 2.29 -19.23 13.34
CA ALA A 210 2.23 -18.61 14.66
C ALA A 210 3.04 -17.31 14.66
N THR A 211 2.44 -16.24 15.18
CA THR A 211 3.09 -14.95 15.35
C THR A 211 3.04 -14.44 16.81
N CYS A 212 2.34 -15.16 17.70
CA CYS A 212 2.14 -14.81 19.10
C CYS A 212 2.24 -16.05 20.00
N PHE A 213 2.56 -15.84 21.28
CA PHE A 213 2.66 -16.92 22.24
C PHE A 213 2.03 -16.49 23.57
N SER A 214 1.46 -17.45 24.30
CA SER A 214 0.89 -17.16 25.59
C SER A 214 1.53 -17.93 26.72
N THR A 215 2.11 -17.22 27.72
CA THR A 215 2.67 -17.90 28.89
C THR A 215 1.59 -18.50 29.79
N ALA A 216 0.39 -17.93 29.78
CA ALA A 216 -0.77 -18.35 30.57
C ALA A 216 -1.28 -19.73 30.18
N SER A 217 -1.22 -20.06 28.90
CA SER A 217 -1.72 -21.35 28.40
C SER A 217 -0.66 -22.22 27.70
N ASP A 218 0.56 -21.72 27.51
CA ASP A 218 1.61 -22.43 26.76
C ASP A 218 1.22 -22.76 25.32
N THR A 219 0.52 -21.85 24.64
CA THR A 219 0.07 -22.07 23.26
C THR A 219 0.54 -20.97 22.29
N TYR A 220 0.35 -21.21 20.98
CA TYR A 220 0.78 -20.31 19.91
C TYR A 220 -0.43 -19.88 19.05
N ALA A 221 -0.39 -18.67 18.49
CA ALA A 221 -1.49 -18.20 17.64
C ALA A 221 -1.03 -17.23 16.59
N CYS A 222 -1.79 -17.15 15.48
CA CYS A 222 -1.58 -16.18 14.42
C CYS A 222 -2.15 -14.81 14.90
N TRP A 223 -2.16 -13.79 14.01
CA TRP A 223 -2.67 -12.47 14.36
C TRP A 223 -4.20 -12.48 14.60
N HIS A 224 -4.94 -13.45 13.97
CA HIS A 224 -6.40 -13.54 14.09
C HIS A 224 -6.91 -14.18 15.36
N HIS A 225 -6.09 -15.00 16.02
CA HIS A 225 -6.51 -15.78 17.17
C HIS A 225 -5.71 -15.54 18.43
N SER A 226 -5.02 -14.42 18.50
CA SER A 226 -4.11 -14.09 19.60
C SER A 226 -4.70 -13.29 20.75
N ILE A 227 -6.03 -13.26 20.90
CA ILE A 227 -6.66 -12.47 21.97
C ILE A 227 -6.21 -12.97 23.34
N GLY A 228 -5.64 -12.07 24.12
CA GLY A 228 -5.12 -12.43 25.43
C GLY A 228 -3.71 -13.00 25.42
N PHE A 229 -3.05 -13.04 24.24
CA PHE A 229 -1.67 -13.55 24.18
C PHE A 229 -0.71 -12.43 24.62
N ASP A 230 0.48 -12.78 25.15
CA ASP A 230 1.37 -11.78 25.73
C ASP A 230 2.75 -11.67 25.11
N TYR A 231 3.16 -12.58 24.23
CA TYR A 231 4.49 -12.50 23.63
C TYR A 231 4.45 -12.49 22.13
N VAL A 232 5.29 -11.66 21.48
CA VAL A 232 5.41 -11.65 20.03
C VAL A 232 6.31 -12.84 19.72
N TYR A 233 5.83 -13.76 18.89
CA TYR A 233 6.60 -14.94 18.56
C TYR A 233 7.27 -14.91 17.15
N ASN A 234 8.59 -15.20 17.10
CA ASN A 234 9.37 -15.24 15.85
C ASN A 234 9.17 -14.03 14.94
N PRO A 235 9.38 -12.80 15.48
CA PRO A 235 9.24 -11.61 14.64
C PRO A 235 10.45 -11.44 13.73
N PHE A 236 10.37 -10.46 12.79
CA PHE A 236 11.52 -10.15 11.94
C PHE A 236 11.91 -8.71 12.12
N MET A 237 13.10 -8.36 11.65
CA MET A 237 13.59 -7.02 11.82
C MET A 237 14.67 -6.72 10.84
N ILE A 238 14.79 -5.46 10.51
CA ILE A 238 15.80 -4.95 9.60
C ILE A 238 16.27 -3.59 10.13
N ASP A 239 17.59 -3.37 10.15
CA ASP A 239 18.12 -2.10 10.62
C ASP A 239 18.52 -1.30 9.40
N VAL A 240 17.79 -0.19 9.15
CA VAL A 240 17.96 0.74 8.05
C VAL A 240 19.37 1.34 8.05
N GLN A 241 19.97 1.56 9.22
CA GLN A 241 21.33 2.10 9.30
C GLN A 241 22.37 1.21 8.62
N GLN A 242 22.15 -0.10 8.58
CA GLN A 242 23.04 -1.03 7.89
C GLN A 242 23.12 -0.75 6.40
N TRP A 243 22.21 0.04 5.83
CA TRP A 243 22.18 0.33 4.41
C TRP A 243 23.22 1.34 3.96
N GLY A 244 23.79 2.09 4.89
CA GLY A 244 24.85 3.04 4.55
C GLY A 244 24.35 4.46 4.41
N PHE A 245 24.14 5.11 5.54
CA PHE A 245 23.66 6.49 5.53
C PHE A 245 24.66 7.42 6.21
N THR A 246 24.74 8.66 5.73
CA THR A 246 25.57 9.66 6.37
C THR A 246 24.63 10.54 7.17
N GLY A 247 24.87 10.65 8.46
CA GLY A 247 24.04 11.48 9.32
C GLY A 247 22.92 10.74 10.02
N ASN A 248 22.14 11.50 10.79
CA ASN A 248 21.05 10.97 11.60
C ASN A 248 19.76 10.70 10.81
N LEU A 249 18.81 10.01 11.43
CA LEU A 249 17.51 9.69 10.85
C LEU A 249 16.76 10.90 10.32
N GLN A 250 16.56 11.95 11.15
CA GLN A 250 15.77 13.10 10.70
C GLN A 250 16.35 13.76 9.44
N SER A 251 17.68 13.93 9.37
CA SER A 251 18.31 14.55 8.21
C SER A 251 18.14 13.74 6.91
N ASN A 252 18.15 12.41 6.99
CA ASN A 252 17.97 11.58 5.80
C ASN A 252 16.48 11.53 5.39
N HIS A 253 15.58 11.46 6.41
CA HIS A 253 14.13 11.41 6.21
C HIS A 253 13.65 12.71 5.56
N ASP A 254 14.05 13.86 6.14
CA ASP A 254 13.66 15.19 5.66
C ASP A 254 14.20 15.53 4.26
N LEU A 255 15.11 14.73 3.72
CA LEU A 255 15.60 14.92 2.36
C LEU A 255 14.51 14.57 1.34
N TYR A 256 13.56 13.66 1.71
CA TYR A 256 12.57 13.19 0.77
C TYR A 256 11.13 13.37 1.21
N CYS A 257 10.88 13.81 2.46
CA CYS A 257 9.52 13.87 2.96
C CYS A 257 9.27 15.06 3.90
N GLN A 258 8.20 15.81 3.63
CA GLN A 258 7.80 16.98 4.43
C GLN A 258 6.53 16.75 5.27
N VAL A 259 5.86 15.62 5.07
CA VAL A 259 4.61 15.24 5.72
C VAL A 259 4.80 14.72 7.17
N HIS A 260 5.95 14.09 7.45
CA HIS A 260 6.24 13.62 8.80
C HIS A 260 7.17 14.57 9.53
N GLY A 261 6.79 14.94 10.73
CA GLY A 261 7.60 15.83 11.55
C GLY A 261 8.24 15.09 12.70
N ASN A 262 8.95 15.83 13.57
CA ASN A 262 9.58 15.21 14.72
C ASN A 262 9.11 15.88 15.99
N ALA A 263 7.99 15.43 16.56
CA ALA A 263 7.53 15.97 17.83
C ALA A 263 8.48 15.61 19.01
N HIS A 264 9.50 14.74 18.75
CA HIS A 264 10.55 14.22 19.63
C HIS A 264 10.08 13.01 20.48
N VAL A 265 9.04 12.31 20.03
CA VAL A 265 8.56 11.10 20.67
C VAL A 265 9.02 9.88 19.86
N ALA A 266 9.07 8.73 20.50
CA ALA A 266 9.51 7.50 19.90
C ALA A 266 8.69 7.13 18.66
N SER A 267 7.36 7.31 18.70
CA SER A 267 6.52 7.01 17.54
C SER A 267 6.85 7.84 16.30
N CYS A 268 7.34 9.09 16.47
CA CYS A 268 7.71 9.98 15.35
C CYS A 268 8.93 9.41 14.60
N ASP A 269 9.91 8.88 15.34
CA ASP A 269 11.09 8.28 14.73
C ASP A 269 10.68 6.97 14.04
N ALA A 270 9.79 6.18 14.67
CA ALA A 270 9.31 4.93 14.12
C ALA A 270 8.64 5.15 12.73
N ILE A 271 7.90 6.26 12.62
CA ILE A 271 7.22 6.66 11.38
C ILE A 271 8.22 7.10 10.30
N MET A 272 9.16 8.01 10.67
CA MET A 272 10.23 8.50 9.80
C MET A 272 11.11 7.33 9.30
N THR A 273 11.28 6.27 10.15
CA THR A 273 12.09 5.08 9.87
C THR A 273 11.45 4.22 8.79
N ARG A 274 10.16 3.91 8.95
CA ARG A 274 9.44 3.12 7.98
C ARG A 274 9.31 3.92 6.67
N CYS A 275 9.03 5.24 6.77
CA CYS A 275 8.93 6.14 5.62
C CYS A 275 10.25 6.19 4.84
N LEU A 276 11.40 6.29 5.54
CA LEU A 276 12.70 6.30 4.87
C LEU A 276 12.98 4.95 4.20
N ALA A 277 12.60 3.85 4.86
CA ALA A 277 12.74 2.51 4.30
C ALA A 277 11.90 2.38 3.03
N VAL A 278 10.63 2.88 3.04
CA VAL A 278 9.69 2.85 1.91
C VAL A 278 10.25 3.65 0.74
N HIS A 279 10.83 4.85 1.01
CA HIS A 279 11.42 5.68 -0.04
C HIS A 279 12.57 4.95 -0.73
N GLU A 280 13.43 4.32 0.05
CA GLU A 280 14.58 3.61 -0.49
C GLU A 280 14.21 2.40 -1.30
N CYS A 281 13.20 1.66 -0.85
CA CYS A 281 12.85 0.40 -1.48
C CYS A 281 11.78 0.50 -2.56
N PHE A 282 10.97 1.58 -2.57
CA PHE A 282 9.84 1.70 -3.49
C PHE A 282 9.69 3.03 -4.22
N VAL A 283 10.37 4.10 -3.76
CA VAL A 283 10.27 5.40 -4.41
C VAL A 283 11.47 5.55 -5.36
N LYS A 284 12.72 5.55 -4.81
CA LYS A 284 13.98 5.69 -5.55
C LYS A 284 14.36 4.40 -6.31
N ARG A 285 13.91 3.25 -5.80
CA ARG A 285 14.15 1.96 -6.41
C ARG A 285 12.78 1.35 -6.66
N VAL A 286 12.55 0.83 -7.86
CA VAL A 286 11.25 0.26 -8.19
C VAL A 286 11.43 -1.15 -8.76
N ASP A 287 10.64 -2.10 -8.29
CA ASP A 287 10.69 -3.46 -8.81
C ASP A 287 9.28 -3.98 -9.00
N TRP A 288 8.72 -3.81 -10.20
CA TRP A 288 7.35 -4.28 -10.45
C TRP A 288 7.26 -5.79 -10.79
N THR A 289 8.41 -6.52 -10.77
CA THR A 289 8.41 -7.96 -11.01
C THR A 289 7.97 -8.73 -9.75
N ILE A 290 8.26 -8.19 -8.56
CA ILE A 290 7.90 -8.85 -7.32
C ILE A 290 6.41 -8.98 -7.17
N GLU A 291 5.92 -10.21 -7.13
CA GLU A 291 4.51 -10.48 -6.91
C GLU A 291 4.20 -10.45 -5.40
N TYR A 292 2.95 -10.22 -5.05
CA TYR A 292 2.51 -10.18 -3.66
C TYR A 292 1.23 -11.04 -3.53
N PRO A 293 1.04 -11.75 -2.40
CA PRO A 293 -0.16 -12.60 -2.25
C PRO A 293 -1.50 -11.86 -2.28
N ILE A 294 -2.61 -12.60 -2.46
CA ILE A 294 -3.93 -12.01 -2.48
C ILE A 294 -4.44 -11.97 -1.05
N ILE A 295 -4.74 -10.78 -0.52
CA ILE A 295 -5.18 -10.63 0.85
C ILE A 295 -6.59 -9.97 1.00
N GLY A 296 -7.23 -9.69 -0.13
CA GLY A 296 -8.53 -9.05 -0.17
C GLY A 296 -9.24 -9.17 -1.51
N ASP A 297 -9.77 -8.02 -1.99
CA ASP A 297 -10.58 -7.95 -3.22
C ASP A 297 -9.80 -7.66 -4.49
N GLU A 298 -8.51 -7.93 -4.50
CA GLU A 298 -7.64 -7.69 -5.65
C GLU A 298 -8.22 -8.12 -7.00
N LEU A 299 -8.60 -9.37 -7.17
CA LEU A 299 -9.14 -9.85 -8.43
C LEU A 299 -10.45 -9.17 -8.86
N LYS A 300 -11.31 -8.80 -7.89
CA LYS A 300 -12.55 -8.12 -8.22
C LYS A 300 -12.26 -6.67 -8.61
N ILE A 301 -11.36 -6.00 -7.88
CA ILE A 301 -10.97 -4.61 -8.14
C ILE A 301 -10.36 -4.46 -9.54
N ASN A 302 -9.46 -5.37 -9.92
CA ASN A 302 -8.78 -5.29 -11.22
C ASN A 302 -9.72 -5.54 -12.40
N ALA A 303 -10.68 -6.45 -12.21
CA ALA A 303 -11.69 -6.78 -13.20
C ALA A 303 -12.65 -5.60 -13.36
N ALA A 304 -12.99 -4.94 -12.25
CA ALA A 304 -13.86 -3.80 -12.24
C ALA A 304 -13.21 -2.66 -13.00
N CYS A 305 -11.91 -2.44 -12.78
CA CYS A 305 -11.14 -1.39 -13.45
C CYS A 305 -11.16 -1.53 -14.96
N ARG A 306 -11.06 -2.77 -15.47
CA ARG A 306 -11.09 -3.10 -16.90
C ARG A 306 -12.50 -2.86 -17.46
N LYS A 307 -13.57 -3.18 -16.68
CA LYS A 307 -14.94 -2.98 -17.15
C LYS A 307 -15.25 -1.49 -17.21
N VAL A 308 -14.92 -0.74 -16.13
CA VAL A 308 -15.12 0.70 -16.05
C VAL A 308 -14.42 1.42 -17.19
N GLN A 309 -13.17 1.11 -17.44
CA GLN A 309 -12.41 1.75 -18.50
C GLN A 309 -12.97 1.51 -19.90
N HIS A 310 -13.37 0.27 -20.21
CA HIS A 310 -13.98 -0.03 -21.51
C HIS A 310 -15.29 0.78 -21.65
N MET A 311 -16.09 0.83 -20.58
CA MET A 311 -17.36 1.54 -20.55
C MET A 311 -17.19 3.05 -20.75
N VAL A 312 -16.37 3.68 -19.91
CA VAL A 312 -16.15 5.12 -19.93
C VAL A 312 -15.53 5.63 -21.25
N VAL A 313 -14.59 4.87 -21.81
CA VAL A 313 -13.93 5.26 -23.04
C VAL A 313 -14.80 5.03 -24.25
N LYS A 314 -15.53 3.91 -24.28
CA LYS A 314 -16.44 3.60 -25.39
C LYS A 314 -17.52 4.66 -25.51
N ALA A 315 -18.08 5.10 -24.38
CA ALA A 315 -19.13 6.11 -24.33
C ALA A 315 -18.63 7.48 -24.76
N ALA A 316 -17.40 7.86 -24.41
CA ALA A 316 -16.82 9.15 -24.81
C ALA A 316 -16.63 9.22 -26.33
N LEU A 317 -16.23 8.10 -26.92
CA LEU A 317 -16.04 8.01 -28.36
C LEU A 317 -17.37 8.03 -29.10
N LEU A 318 -18.47 7.59 -28.48
CA LEU A 318 -19.78 7.62 -29.13
C LEU A 318 -20.41 9.00 -29.01
N ALA A 319 -20.27 9.62 -27.82
CA ALA A 319 -20.87 10.93 -27.54
C ALA A 319 -20.21 12.10 -28.26
N ASP A 320 -18.87 12.07 -28.36
CA ASP A 320 -18.15 13.18 -28.99
C ASP A 320 -17.35 12.79 -30.22
N LYS A 321 -17.43 11.53 -30.67
CA LYS A 321 -16.80 11.02 -31.90
C LYS A 321 -15.42 11.62 -32.21
N PHE A 322 -14.50 11.54 -31.25
CA PHE A 322 -13.14 12.05 -31.42
C PHE A 322 -12.44 11.27 -32.52
N PRO A 323 -11.70 11.95 -33.40
CA PRO A 323 -11.03 11.22 -34.50
C PRO A 323 -9.74 10.53 -34.06
N VAL A 324 -9.13 10.98 -32.94
CA VAL A 324 -7.87 10.43 -32.47
C VAL A 324 -7.83 10.33 -30.92
N LEU A 325 -7.34 9.21 -30.39
CA LEU A 325 -7.22 9.04 -28.94
C LEU A 325 -5.75 8.88 -28.61
N HIS A 326 -5.24 9.70 -27.69
CA HIS A 326 -3.86 9.70 -27.21
C HIS A 326 -3.81 8.92 -25.91
N ASP A 327 -3.33 7.69 -25.96
CA ASP A 327 -3.29 6.81 -24.81
C ASP A 327 -1.96 6.97 -24.09
N ILE A 328 -1.94 7.72 -22.97
CA ILE A 328 -0.72 7.97 -22.23
C ILE A 328 -0.61 7.17 -20.94
N GLY A 329 0.39 6.30 -20.88
CA GLY A 329 0.64 5.49 -19.71
C GLY A 329 1.35 4.21 -20.04
N ASN A 330 0.87 3.09 -19.46
CA ASN A 330 1.36 1.73 -19.58
C ASN A 330 2.03 1.39 -20.90
N PRO A 331 3.34 1.13 -20.92
CA PRO A 331 3.99 0.70 -22.16
C PRO A 331 3.39 -0.63 -22.68
N LYS A 332 2.75 -1.43 -21.80
CA LYS A 332 2.10 -2.69 -22.17
C LYS A 332 0.59 -2.56 -22.39
N ALA A 333 0.07 -1.35 -22.65
CA ALA A 333 -1.37 -1.17 -22.84
C ALA A 333 -1.94 -1.72 -24.16
N ILE A 334 -3.18 -2.18 -24.07
CA ILE A 334 -3.98 -2.72 -25.16
C ILE A 334 -5.11 -1.71 -25.38
N LYS A 335 -5.69 -1.63 -26.62
CA LYS A 335 -6.85 -0.78 -26.88
C LYS A 335 -8.02 -1.27 -26.02
N CYS A 336 -8.48 -0.47 -25.04
CA CYS A 336 -9.58 -0.91 -24.18
C CYS A 336 -10.92 -0.98 -24.90
N VAL A 337 -11.06 -0.28 -26.04
CA VAL A 337 -12.26 -0.33 -26.88
C VAL A 337 -11.78 -0.78 -28.29
N PRO A 338 -11.50 -2.08 -28.45
CA PRO A 338 -10.94 -2.57 -29.72
C PRO A 338 -11.79 -2.38 -30.97
N GLN A 339 -13.13 -2.34 -30.82
CA GLN A 339 -13.98 -2.16 -31.99
C GLN A 339 -14.19 -0.69 -32.38
N ALA A 340 -13.69 0.28 -31.58
CA ALA A 340 -13.85 1.70 -31.87
C ALA A 340 -13.18 2.16 -33.17
N ASP A 341 -13.82 3.12 -33.87
CA ASP A 341 -13.33 3.63 -35.15
C ASP A 341 -12.02 4.42 -35.06
N VAL A 342 -11.87 5.24 -34.00
CA VAL A 342 -10.78 6.16 -33.65
C VAL A 342 -9.34 5.71 -34.00
N GLU A 343 -8.45 6.70 -34.20
CA GLU A 343 -7.03 6.51 -34.44
C GLU A 343 -6.39 6.35 -33.08
N TRP A 344 -6.03 5.13 -32.71
CA TRP A 344 -5.43 4.86 -31.39
C TRP A 344 -3.89 4.96 -31.43
N LYS A 345 -3.34 5.95 -30.72
CA LYS A 345 -1.91 6.22 -30.64
C LYS A 345 -1.51 6.08 -29.20
N PHE A 346 -0.49 5.23 -28.92
CA PHE A 346 0.03 4.93 -27.59
C PHE A 346 1.32 5.68 -27.30
N TYR A 347 1.53 6.04 -26.04
CA TYR A 347 2.68 6.76 -25.52
C TYR A 347 3.04 6.06 -24.24
N ASP A 348 4.32 5.69 -24.09
CA ASP A 348 4.78 4.92 -22.96
C ASP A 348 5.28 5.83 -21.84
N ALA A 349 4.81 5.54 -20.63
CA ALA A 349 5.23 6.21 -19.42
C ALA A 349 4.92 5.24 -18.28
N GLN A 350 5.93 4.90 -17.50
CA GLN A 350 5.82 4.02 -16.35
C GLN A 350 5.11 4.72 -15.17
N PRO A 351 4.61 3.99 -14.15
CA PRO A 351 4.00 4.69 -13.01
C PRO A 351 5.03 5.53 -12.27
N CYS A 352 4.81 6.85 -12.19
CA CYS A 352 5.73 7.74 -11.46
C CYS A 352 5.55 7.44 -9.98
N SER A 353 6.64 7.13 -9.26
CA SER A 353 6.55 6.81 -7.84
C SER A 353 6.97 7.95 -6.93
N ASP A 354 7.76 8.90 -7.45
CA ASP A 354 8.23 10.01 -6.64
C ASP A 354 7.21 11.16 -6.74
N LYS A 355 7.33 12.00 -7.76
CA LYS A 355 6.43 13.12 -7.99
C LYS A 355 5.70 12.83 -9.27
N ALA A 356 4.46 13.37 -9.38
CA ALA A 356 3.63 13.24 -10.57
C ALA A 356 4.33 13.83 -11.78
N TYR A 357 4.12 13.24 -12.95
CA TYR A 357 4.70 13.74 -14.18
C TYR A 357 4.29 15.16 -14.48
N LYS A 358 5.21 15.99 -14.96
CA LYS A 358 4.84 17.34 -15.39
C LYS A 358 4.29 17.20 -16.81
N ILE A 359 3.08 17.73 -17.09
CA ILE A 359 2.46 17.64 -18.42
C ILE A 359 3.40 18.24 -19.52
N GLU A 360 4.25 19.19 -19.14
CA GLU A 360 5.19 19.80 -20.08
C GLU A 360 6.27 18.78 -20.52
N GLU A 361 6.78 17.95 -19.61
CA GLU A 361 7.80 16.96 -19.96
C GLU A 361 7.21 15.76 -20.72
N LEU A 362 5.94 15.40 -20.45
CA LEU A 362 5.30 14.28 -21.12
C LEU A 362 4.88 14.63 -22.56
N PHE A 363 4.47 15.88 -22.79
CA PHE A 363 3.93 16.27 -24.09
C PHE A 363 4.82 17.07 -25.00
N TYR A 364 5.50 18.10 -24.48
CA TYR A 364 6.25 19.03 -25.31
C TYR A 364 7.72 18.57 -25.53
N SER A 365 8.53 19.42 -26.18
CA SER A 365 9.93 19.21 -26.59
C SER A 365 10.05 18.63 -28.04
N TYR A 366 8.95 18.72 -28.83
CA TYR A 366 8.83 18.31 -30.22
C TYR A 366 9.00 16.81 -30.46
N HIS A 369 3.58 10.32 -32.75
CA HIS A 369 2.67 11.25 -32.12
C HIS A 369 2.00 12.15 -33.12
N SER A 370 0.76 12.56 -32.83
CA SER A 370 0.08 13.55 -33.67
C SER A 370 0.71 14.96 -33.46
N ASP A 371 1.61 15.14 -32.42
CA ASP A 371 2.28 16.36 -31.97
C ASP A 371 1.27 17.21 -31.20
N LYS A 372 0.09 17.40 -31.80
CA LYS A 372 -1.01 18.15 -31.22
C LYS A 372 -1.88 17.23 -30.36
N PHE A 373 -1.60 17.21 -29.04
CA PHE A 373 -2.41 16.45 -28.08
C PHE A 373 -3.81 17.08 -27.88
N THR A 374 -3.98 18.36 -28.30
CA THR A 374 -5.22 19.12 -28.33
C THR A 374 -6.24 18.53 -29.34
N ASP A 375 -5.78 17.72 -30.31
CA ASP A 375 -6.62 17.04 -31.29
C ASP A 375 -7.17 15.80 -30.59
N GLY A 376 -8.49 15.62 -30.63
CA GLY A 376 -9.12 14.45 -30.03
C GLY A 376 -9.13 14.44 -28.51
N VAL A 377 -8.96 13.26 -27.93
CA VAL A 377 -9.01 13.09 -26.49
C VAL A 377 -7.74 12.38 -25.96
N CYS A 378 -7.33 12.68 -24.73
CA CYS A 378 -6.17 12.05 -24.12
C CYS A 378 -6.68 11.14 -23.04
N LEU A 379 -6.30 9.87 -23.06
CA LEU A 379 -6.71 8.92 -22.02
C LEU A 379 -5.52 8.74 -21.07
N PHE A 380 -5.69 9.09 -19.78
CA PHE A 380 -4.69 8.92 -18.73
C PHE A 380 -5.23 7.91 -17.68
N TRP A 381 -5.15 6.61 -17.97
CA TRP A 381 -5.62 5.60 -17.03
C TRP A 381 -4.49 5.24 -16.09
N ASN A 382 -4.52 5.78 -14.88
CA ASN A 382 -3.50 5.63 -13.86
C ASN A 382 -2.16 6.19 -14.28
N CYS A 383 -2.16 7.27 -15.08
CA CYS A 383 -0.93 7.95 -15.46
C CYS A 383 -1.04 9.30 -14.76
N ASN A 384 -0.45 9.39 -13.56
CA ASN A 384 -0.53 10.53 -12.65
C ASN A 384 0.23 11.76 -13.11
N VAL A 385 -0.47 12.80 -13.62
CA VAL A 385 0.24 14.00 -14.07
C VAL A 385 -0.12 15.21 -13.14
N ASP A 386 0.71 16.27 -13.16
CA ASP A 386 0.51 17.44 -12.28
C ASP A 386 -0.80 18.26 -12.59
N ARG A 387 -1.21 18.30 -13.85
CA ARG A 387 -2.40 19.01 -14.27
C ARG A 387 -2.80 18.46 -15.60
N TYR A 388 -3.99 17.86 -15.64
CA TYR A 388 -4.48 17.26 -16.86
C TYR A 388 -4.97 18.27 -17.88
N PRO A 389 -4.72 17.98 -19.18
CA PRO A 389 -5.29 18.84 -20.23
C PRO A 389 -6.81 18.79 -20.19
N ALA A 390 -7.50 19.83 -20.64
CA ALA A 390 -8.97 19.86 -20.63
C ALA A 390 -9.63 18.75 -21.48
N ASN A 391 -9.01 18.28 -22.58
CA ASN A 391 -9.61 17.19 -23.40
C ASN A 391 -9.21 15.77 -22.91
N SER A 392 -9.36 15.48 -21.60
CA SER A 392 -8.91 14.19 -21.06
C SER A 392 -9.96 13.33 -20.42
N ILE A 393 -9.71 11.99 -20.39
CA ILE A 393 -10.45 10.94 -19.66
C ILE A 393 -9.40 10.48 -18.65
N VAL A 394 -9.74 10.48 -17.34
CA VAL A 394 -8.73 10.19 -16.32
C VAL A 394 -9.14 9.26 -15.20
N CYS A 395 -8.27 8.30 -14.85
CA CYS A 395 -8.45 7.48 -13.67
C CYS A 395 -7.24 7.81 -12.76
N ARG A 396 -7.48 8.46 -11.62
CA ARG A 396 -6.40 8.81 -10.70
C ARG A 396 -6.62 8.11 -9.35
N PHE A 397 -5.65 7.34 -8.87
CA PHE A 397 -5.78 6.67 -7.59
C PHE A 397 -5.66 7.70 -6.45
N ASP A 398 -6.59 7.65 -5.50
CA ASP A 398 -6.59 8.55 -4.36
C ASP A 398 -5.78 7.90 -3.27
N THR A 399 -4.61 8.50 -2.96
CA THR A 399 -3.70 7.96 -1.98
C THR A 399 -4.22 8.03 -0.54
N ARG A 400 -5.29 8.83 -0.27
CA ARG A 400 -5.81 8.94 1.09
C ARG A 400 -6.73 7.80 1.52
N VAL A 401 -7.18 6.97 0.55
CA VAL A 401 -8.11 5.88 0.81
C VAL A 401 -7.58 4.92 1.85
N LEU A 402 -8.44 4.52 2.80
CA LEU A 402 -8.09 3.55 3.81
C LEU A 402 -8.49 2.16 3.32
N SER A 403 -7.52 1.25 3.18
CA SER A 403 -7.79 -0.14 2.81
C SER A 403 -6.60 -1.05 3.15
N ASN A 404 -6.80 -2.38 3.07
CA ASN A 404 -5.76 -3.38 3.26
C ASN A 404 -4.76 -3.40 2.08
N LEU A 405 -5.13 -2.81 0.93
CA LEU A 405 -4.22 -2.74 -0.21
C LEU A 405 -3.34 -1.48 -0.17
N ASN A 406 -3.78 -0.45 0.52
CA ASN A 406 -3.08 0.82 0.56
C ASN A 406 -2.36 1.05 1.88
N LEU A 407 -1.03 1.01 1.83
CA LEU A 407 -0.19 1.20 2.99
C LEU A 407 0.35 2.64 2.94
N PRO A 408 0.53 3.29 4.10
CA PRO A 408 1.00 4.70 4.06
C PRO A 408 2.41 4.80 3.50
N GLY A 409 2.64 5.82 2.69
CA GLY A 409 3.93 6.01 2.04
C GLY A 409 4.75 7.22 2.44
N CYS A 410 5.53 7.72 1.48
N CYS A 410 5.51 7.74 1.47
CA CYS A 410 6.50 8.80 1.59
CA CYS A 410 6.40 8.87 1.65
C CYS A 410 6.00 10.13 0.98
C CYS A 410 5.86 10.14 1.05
N ASP A 411 6.13 11.26 1.72
CA ASP A 411 5.74 12.60 1.27
C ASP A 411 4.25 12.77 0.90
N GLY A 412 3.38 12.11 1.66
CA GLY A 412 1.94 12.16 1.41
C GLY A 412 1.45 11.12 0.43
N GLY A 413 2.37 10.39 -0.21
CA GLY A 413 2.04 9.36 -1.16
C GLY A 413 1.70 8.06 -0.45
N SER A 414 1.36 7.03 -1.22
CA SER A 414 0.98 5.77 -0.61
C SER A 414 1.50 4.59 -1.40
N LEU A 415 1.66 3.46 -0.72
CA LEU A 415 2.15 2.25 -1.35
C LEU A 415 0.95 1.37 -1.61
N TYR A 416 0.52 1.31 -2.88
CA TYR A 416 -0.63 0.51 -3.27
C TYR A 416 -0.16 -0.86 -3.69
N VAL A 417 -0.54 -1.88 -2.92
CA VAL A 417 -0.06 -3.23 -3.19
C VAL A 417 -1.20 -4.12 -3.69
N ASN A 418 -1.27 -4.28 -4.99
CA ASN A 418 -2.27 -5.13 -5.62
C ASN A 418 -1.50 -5.88 -6.70
N LYS A 419 -1.12 -7.13 -6.40
CA LYS A 419 -0.29 -7.99 -7.25
C LYS A 419 1.16 -7.47 -7.22
N HIS A 420 1.35 -6.18 -7.50
CA HIS A 420 2.65 -5.53 -7.45
C HIS A 420 2.58 -4.31 -6.49
N ALA A 421 3.75 -3.78 -6.12
CA ALA A 421 3.79 -2.63 -5.22
C ALA A 421 3.99 -1.37 -6.02
N PHE A 422 3.08 -0.42 -5.86
CA PHE A 422 3.15 0.85 -6.57
C PHE A 422 3.13 1.99 -5.60
N HIS A 423 4.27 2.67 -5.42
CA HIS A 423 4.27 3.89 -4.63
C HIS A 423 3.66 4.95 -5.55
N THR A 424 2.62 5.64 -5.07
CA THR A 424 1.84 6.60 -5.84
C THR A 424 1.99 7.95 -5.17
N PRO A 425 2.24 9.02 -5.95
CA PRO A 425 2.37 10.36 -5.35
C PRO A 425 1.09 10.85 -4.72
N ALA A 426 1.20 11.79 -3.76
CA ALA A 426 0.04 12.38 -3.08
C ALA A 426 -1.06 12.83 -4.03
N PHE A 427 -2.30 12.46 -3.69
CA PHE A 427 -3.46 12.87 -4.45
C PHE A 427 -3.62 14.37 -4.28
N ASP A 428 -3.66 15.10 -5.41
CA ASP A 428 -3.81 16.54 -5.38
C ASP A 428 -5.01 16.94 -6.23
N LYS A 429 -6.02 17.56 -5.59
CA LYS A 429 -7.26 18.00 -6.22
C LYS A 429 -7.05 19.05 -7.34
N SER A 430 -5.93 19.78 -7.29
CA SER A 430 -5.58 20.78 -8.30
C SER A 430 -5.20 20.16 -9.65
N ALA A 431 -4.89 18.86 -9.70
CA ALA A 431 -4.54 18.22 -10.98
C ALA A 431 -5.70 18.19 -11.97
N PHE A 432 -6.93 18.31 -11.46
CA PHE A 432 -8.17 18.19 -12.20
C PHE A 432 -8.93 19.50 -12.40
N VAL A 433 -8.25 20.67 -12.39
CA VAL A 433 -8.99 21.93 -12.57
C VAL A 433 -9.66 22.05 -13.92
N ASN A 434 -9.05 21.52 -14.99
CA ASN A 434 -9.67 21.61 -16.32
C ASN A 434 -10.71 20.53 -16.62
N LEU A 435 -10.99 19.63 -15.66
CA LEU A 435 -11.94 18.54 -15.82
C LEU A 435 -13.07 18.59 -14.75
N LYS A 436 -14.06 17.68 -14.86
CA LYS A 436 -15.12 17.49 -13.88
C LYS A 436 -15.11 16.00 -13.41
N GLN A 437 -15.80 15.70 -12.30
CA GLN A 437 -15.89 14.32 -11.83
C GLN A 437 -16.83 13.59 -12.77
N LEU A 438 -16.45 12.38 -13.20
CA LEU A 438 -17.29 11.62 -14.11
C LEU A 438 -18.41 10.97 -13.30
N PRO A 439 -19.67 11.24 -13.69
CA PRO A 439 -20.79 10.63 -12.96
C PRO A 439 -21.03 9.18 -13.36
N PHE A 440 -21.66 8.40 -12.47
CA PHE A 440 -21.98 7.01 -12.78
C PHE A 440 -23.01 6.95 -13.90
N PHE A 441 -22.80 6.05 -14.85
CA PHE A 441 -23.76 5.71 -15.88
C PHE A 441 -23.40 4.31 -16.38
N TYR A 442 -24.38 3.61 -16.91
CA TYR A 442 -24.15 2.29 -17.52
C TYR A 442 -24.66 2.44 -18.95
N TYR A 443 -23.86 2.08 -19.94
CA TYR A 443 -24.30 2.17 -21.33
C TYR A 443 -24.21 0.79 -22.00
N SER A 444 -25.23 0.42 -22.75
CA SER A 444 -25.18 -0.80 -23.53
C SER A 444 -25.95 -0.69 -24.81
N ASP A 445 -25.37 -1.21 -25.86
CA ASP A 445 -26.00 -1.28 -27.18
C ASP A 445 -26.17 -2.76 -27.62
N SER A 446 -25.96 -3.72 -26.70
CA SER A 446 -26.16 -5.15 -26.91
C SER A 446 -27.67 -5.41 -27.04
N PRO A 447 -28.08 -6.47 -27.76
CA PRO A 447 -29.52 -6.73 -27.90
C PRO A 447 -30.19 -7.06 -26.55
N CYS A 448 -31.48 -6.77 -26.46
CA CYS A 448 -32.22 -7.02 -25.23
C CYS A 448 -32.63 -8.49 -25.17
N GLU A 449 -31.66 -9.37 -24.93
CA GLU A 449 -31.88 -10.80 -24.90
C GLU A 449 -31.33 -11.39 -23.61
N SER A 450 -32.27 -11.89 -22.76
CA SER A 450 -32.01 -12.49 -21.44
C SER A 450 -30.97 -13.65 -21.46
N HIS A 451 -31.29 -14.77 -22.17
CA HIS A 451 -30.42 -15.94 -22.32
C HIS A 451 -29.96 -16.56 -20.97
N GLY A 452 -30.49 -17.75 -20.66
CA GLY A 452 -30.15 -18.49 -19.44
C GLY A 452 -31.25 -18.49 -18.41
N ILE A 459 -30.09 -16.53 -9.89
CA ILE A 459 -30.55 -15.16 -9.70
C ILE A 459 -32.02 -14.99 -10.05
N ASP A 460 -32.67 -13.94 -9.50
CA ASP A 460 -34.09 -13.67 -9.77
C ASP A 460 -34.30 -12.19 -10.27
N TYR A 461 -35.52 -11.58 -10.10
CA TYR A 461 -35.77 -10.24 -10.64
C TYR A 461 -36.78 -9.35 -9.88
N VAL A 462 -36.47 -8.03 -9.85
CA VAL A 462 -37.27 -6.91 -9.36
C VAL A 462 -37.04 -5.84 -10.43
N PRO A 463 -38.09 -5.28 -11.02
CA PRO A 463 -37.90 -4.34 -12.14
C PRO A 463 -36.94 -3.18 -11.88
N LEU A 464 -36.06 -2.90 -12.87
CA LEU A 464 -35.11 -1.80 -12.72
C LEU A 464 -35.66 -0.49 -13.25
N LYS A 465 -35.64 0.52 -12.40
CA LYS A 465 -36.03 1.88 -12.74
C LYS A 465 -34.84 2.78 -12.44
N SER A 466 -34.16 3.27 -13.50
CA SER A 466 -32.99 4.13 -13.33
C SER A 466 -32.80 5.04 -14.50
N ALA A 467 -32.49 6.32 -14.23
CA ALA A 467 -32.18 7.30 -15.27
C ALA A 467 -30.77 7.08 -15.88
N THR A 468 -29.89 6.36 -15.18
CA THR A 468 -28.53 6.14 -15.66
C THR A 468 -28.34 4.80 -16.41
N CYS A 469 -29.43 4.06 -16.69
CA CYS A 469 -29.33 2.82 -17.44
C CYS A 469 -29.54 3.24 -18.88
N ILE A 470 -28.49 3.72 -19.56
CA ILE A 470 -28.63 4.17 -20.95
C ILE A 470 -28.69 2.96 -21.93
N THR A 471 -29.91 2.46 -22.20
CA THR A 471 -30.19 1.33 -23.09
C THR A 471 -31.43 1.58 -23.96
N ARG A 472 -31.58 0.85 -25.08
CA ARG A 472 -32.71 0.96 -26.00
C ARG A 472 -34.03 0.62 -25.31
N CYS A 473 -34.00 -0.30 -24.33
CA CYS A 473 -35.17 -0.71 -23.56
C CYS A 473 -35.61 0.42 -22.67
N ASN A 474 -34.67 1.09 -22.00
CA ASN A 474 -34.98 2.25 -21.16
C ASN A 474 -35.48 3.44 -21.99
N LEU A 475 -34.91 3.62 -23.20
CA LEU A 475 -35.35 4.63 -24.16
C LEU A 475 -36.81 4.31 -24.54
N GLY A 476 -37.06 3.04 -24.86
CA GLY A 476 -38.38 2.52 -25.20
C GLY A 476 -39.39 2.45 -24.08
N GLY A 477 -38.98 2.81 -22.86
CA GLY A 477 -39.87 2.84 -21.71
C GLY A 477 -39.67 1.86 -20.57
N ALA A 478 -39.05 0.68 -20.79
CA ALA A 478 -38.90 -0.33 -19.71
C ALA A 478 -37.65 -1.21 -19.82
N VAL A 479 -36.74 -1.17 -18.82
CA VAL A 479 -35.53 -1.98 -18.87
C VAL A 479 -35.82 -3.50 -18.90
N CYS A 480 -35.32 -4.20 -19.93
CA CYS A 480 -35.40 -5.65 -20.06
C CYS A 480 -34.59 -6.32 -18.93
N ARG A 481 -34.84 -7.62 -18.64
CA ARG A 481 -34.15 -8.33 -17.56
C ARG A 481 -32.64 -8.44 -17.79
N HIS A 482 -32.22 -8.64 -19.05
CA HIS A 482 -30.80 -8.74 -19.39
C HIS A 482 -30.01 -7.47 -19.00
N HIS A 483 -30.51 -6.31 -19.43
CA HIS A 483 -29.85 -5.05 -19.16
C HIS A 483 -29.96 -4.67 -17.69
N ALA A 484 -31.00 -5.09 -16.98
CA ALA A 484 -31.13 -4.84 -15.55
C ALA A 484 -30.09 -5.66 -14.77
N ASN A 485 -29.80 -6.91 -15.22
CA ASN A 485 -28.79 -7.76 -14.58
C ASN A 485 -27.42 -7.17 -14.81
N GLU A 486 -27.15 -6.77 -16.07
CA GLU A 486 -25.91 -6.16 -16.51
C GLU A 486 -25.67 -4.82 -15.87
N TYR A 487 -26.71 -4.05 -15.62
CA TYR A 487 -26.60 -2.74 -15.00
C TYR A 487 -26.18 -2.94 -13.56
N ARG A 488 -26.88 -3.83 -12.83
CA ARG A 488 -26.58 -4.05 -11.43
C ARG A 488 -25.21 -4.67 -11.22
N LEU A 489 -24.75 -5.52 -12.15
CA LEU A 489 -23.42 -6.08 -12.08
C LEU A 489 -22.39 -4.98 -12.29
N TYR A 490 -22.62 -4.09 -13.27
CA TYR A 490 -21.72 -2.97 -13.53
C TYR A 490 -21.68 -1.96 -12.38
N LEU A 491 -22.82 -1.67 -11.77
CA LEU A 491 -22.88 -0.76 -10.63
C LEU A 491 -22.06 -1.32 -9.45
N ASP A 492 -22.04 -2.65 -9.29
CA ASP A 492 -21.28 -3.28 -8.23
C ASP A 492 -19.81 -3.16 -8.52
N ALA A 493 -19.39 -3.41 -9.79
CA ALA A 493 -18.00 -3.29 -10.23
C ALA A 493 -17.52 -1.83 -10.04
N TYR A 494 -18.34 -0.87 -10.41
CA TYR A 494 -18.01 0.53 -10.29
C TYR A 494 -17.82 0.92 -8.83
N ASN A 495 -18.72 0.48 -7.94
CA ASN A 495 -18.63 0.78 -6.52
C ASN A 495 -17.41 0.13 -5.87
N MET A 496 -17.02 -1.04 -6.37
CA MET A 496 -15.87 -1.79 -5.92
C MET A 496 -14.59 -0.93 -6.09
N MET A 497 -14.39 -0.46 -7.33
CA MET A 497 -13.30 0.34 -7.82
C MET A 497 -13.22 1.71 -7.16
N ILE A 498 -14.35 2.39 -6.94
CA ILE A 498 -14.36 3.70 -6.28
C ILE A 498 -13.90 3.53 -4.83
N SER A 499 -14.45 2.51 -4.15
CA SER A 499 -14.12 2.22 -2.76
C SER A 499 -12.65 1.75 -2.61
N ALA A 500 -12.08 1.10 -3.65
CA ALA A 500 -10.67 0.73 -3.68
C ALA A 500 -9.73 1.98 -3.68
N GLY A 501 -10.28 3.16 -3.97
CA GLY A 501 -9.58 4.43 -3.95
C GLY A 501 -9.47 5.16 -5.28
N PHE A 502 -9.87 4.53 -6.38
CA PHE A 502 -9.74 5.15 -7.71
C PHE A 502 -10.79 6.22 -7.96
N SER A 503 -10.42 7.32 -8.64
CA SER A 503 -11.36 8.40 -8.96
C SER A 503 -11.33 8.69 -10.45
N LEU A 504 -12.52 8.91 -11.04
CA LEU A 504 -12.75 9.14 -12.46
C LEU A 504 -13.09 10.59 -12.79
N TRP A 505 -12.40 11.13 -13.78
CA TRP A 505 -12.50 12.52 -14.19
C TRP A 505 -12.65 12.61 -15.70
N VAL A 506 -13.41 13.58 -16.20
CA VAL A 506 -13.63 13.68 -17.63
C VAL A 506 -13.71 15.15 -18.07
N TYR A 507 -13.47 15.41 -19.39
CA TYR A 507 -13.61 16.73 -20.01
C TYR A 507 -15.02 17.29 -19.72
N LYS A 508 -15.13 18.61 -19.50
CA LYS A 508 -16.35 19.31 -19.08
C LYS A 508 -17.55 19.19 -20.04
N GLN A 509 -17.31 18.86 -21.29
CA GLN A 509 -18.40 18.72 -22.27
C GLN A 509 -18.97 17.29 -22.30
N PHE A 510 -18.48 16.36 -21.46
CA PHE A 510 -19.03 15.00 -21.46
C PHE A 510 -20.47 15.02 -20.95
N ASP A 511 -21.39 14.51 -21.78
CA ASP A 511 -22.81 14.49 -21.47
C ASP A 511 -23.38 13.16 -21.89
N THR A 512 -23.88 12.37 -20.94
CA THR A 512 -24.49 11.07 -21.27
C THR A 512 -25.78 11.23 -22.11
N TYR A 513 -26.39 12.44 -22.09
CA TYR A 513 -27.55 12.74 -22.91
C TYR A 513 -27.26 12.48 -24.39
N ASN A 514 -26.00 12.63 -24.82
CA ASN A 514 -25.57 12.39 -26.19
C ASN A 514 -25.50 10.92 -26.59
N LEU A 515 -25.72 9.99 -25.66
CA LEU A 515 -25.69 8.56 -25.95
C LEU A 515 -27.04 8.00 -26.38
N TRP A 516 -28.14 8.67 -26.04
CA TRP A 516 -29.46 8.19 -26.43
C TRP A 516 -29.62 8.15 -27.96
N ASN A 517 -28.96 9.08 -28.69
CA ASN A 517 -29.06 9.10 -30.15
C ASN A 517 -28.20 8.05 -30.86
N THR A 518 -27.50 7.19 -30.11
CA THR A 518 -26.78 6.07 -30.70
C THR A 518 -27.75 4.84 -30.87
N PHE A 519 -29.07 5.06 -30.62
CA PHE A 519 -30.21 4.13 -30.77
C PHE A 519 -31.14 4.86 -31.76
N THR A 520 -31.03 4.53 -33.05
CA THR A 520 -31.84 5.21 -34.08
C THR A 520 -32.63 4.23 -34.96
#